data_5YT6
#
_entry.id   5YT6
#
_cell.length_a   48.709
_cell.length_b   72.938
_cell.length_c   119.879
_cell.angle_alpha   90.000
_cell.angle_beta   90.000
_cell.angle_gamma   90.000
#
_symmetry.space_group_name_H-M   'P 21 21 21'
#
loop_
_entity.id
_entity.type
_entity.pdbx_description
1 polymer Ubiquitin
2 polymer 'Tax1-binding protein 1'
3 non-polymer 'ZINC ION'
4 non-polymer 'SULFATE ION'
5 non-polymer GLYCEROL
6 non-polymer 1,2-ETHANEDIOL
7 water water
#
loop_
_entity_poly.entity_id
_entity_poly.type
_entity_poly.pdbx_seq_one_letter_code
_entity_poly.pdbx_strand_id
1 'polypeptide(L)' GSMQIFVKTLTGKTITLEVEPSDTIENVKAKIQDKEGIPPDQQRLIFAGKQLEDGRTLSDYNIQKESTLHLVLRLRGG E,A,C,G
2 'polypeptide(L)' SWKVCPMCSEQFPPDYDQQVFERHVQTHFDQNVLN F,B,D,H
#
loop_
_chem_comp.id
_chem_comp.type
_chem_comp.name
_chem_comp.formula
EDO non-polymer 1,2-ETHANEDIOL 'C2 H6 O2'
GOL non-polymer GLYCEROL 'C3 H8 O3'
SO4 non-polymer 'SULFATE ION' 'O4 S -2'
ZN non-polymer 'ZINC ION' 'Zn 2'
#
# COMPACT_ATOMS: atom_id res chain seq x y z
N SER A 2 26.89 8.73 -19.73
CA SER A 2 27.10 8.57 -21.16
C SER A 2 26.12 7.56 -21.76
N MET A 3 25.14 7.11 -20.97
CA MET A 3 24.19 6.14 -21.47
C MET A 3 22.82 6.34 -20.82
N GLN A 4 21.81 5.84 -21.51
CA GLN A 4 20.43 5.88 -21.04
C GLN A 4 20.09 4.58 -20.31
N ILE A 5 19.41 4.70 -19.17
CA ILE A 5 18.78 3.53 -18.55
C ILE A 5 17.33 3.88 -18.23
N PHE A 6 16.55 2.83 -18.00
CA PHE A 6 15.15 2.96 -17.63
C PHE A 6 14.95 2.48 -16.21
N VAL A 7 14.02 3.11 -15.51
CA VAL A 7 13.65 2.71 -14.15
C VAL A 7 12.15 2.55 -14.11
N LYS A 8 11.69 1.32 -13.89
CA LYS A 8 10.26 1.00 -13.90
C LYS A 8 9.74 0.93 -12.47
N THR A 9 8.62 1.60 -12.21
CA THR A 9 8.01 1.60 -10.89
C THR A 9 6.97 0.47 -10.81
N LEU A 10 6.51 0.19 -9.59
CA LEU A 10 5.52 -0.87 -9.40
C LEU A 10 4.15 -0.48 -9.96
N THR A 11 3.90 0.81 -10.18
CA THR A 11 2.69 1.27 -10.84
C THR A 11 2.79 1.24 -12.34
N GLY A 12 3.95 0.87 -12.90
CA GLY A 12 4.11 0.70 -14.34
C GLY A 12 4.72 1.88 -15.05
N LYS A 13 4.96 2.99 -14.34
CA LYS A 13 5.60 4.15 -14.94
C LYS A 13 7.05 3.84 -15.26
N THR A 14 7.51 4.30 -16.43
CA THR A 14 8.92 4.16 -16.81
C THR A 14 9.57 5.53 -16.76
N ILE A 15 10.65 5.60 -15.98
CA ILE A 15 11.48 6.79 -15.83
C ILE A 15 12.75 6.56 -16.66
N THR A 16 13.11 7.52 -17.51
CA THR A 16 14.36 7.42 -18.23
CA THR A 16 14.36 7.44 -18.24
C THR A 16 15.42 8.28 -17.55
N LEU A 17 16.64 7.76 -17.49
CA LEU A 17 17.73 8.44 -16.82
C LEU A 17 18.97 8.48 -17.70
N GLU A 18 19.77 9.50 -17.47
CA GLU A 18 21.06 9.67 -18.12
C GLU A 18 22.13 9.45 -17.08
N VAL A 19 22.95 8.42 -17.30
CA VAL A 19 23.91 7.94 -16.31
C VAL A 19 25.23 7.66 -17.00
N GLU A 20 26.27 7.56 -16.19
CA GLU A 20 27.55 7.02 -16.58
C GLU A 20 27.76 5.68 -15.88
N PRO A 21 28.49 4.73 -16.50
CA PRO A 21 28.80 3.48 -15.80
C PRO A 21 29.47 3.69 -14.45
N SER A 22 30.23 4.77 -14.29
CA SER A 22 30.90 5.05 -13.02
C SER A 22 29.98 5.64 -11.96
N ASP A 23 28.73 5.92 -12.30
CA ASP A 23 27.79 6.42 -11.30
C ASP A 23 27.53 5.36 -10.23
N THR A 24 27.60 5.76 -8.96
CA THR A 24 27.21 4.85 -7.90
C THR A 24 25.69 4.68 -7.89
N ILE A 25 25.23 3.61 -7.23
CA ILE A 25 23.80 3.41 -7.05
C ILE A 25 23.18 4.59 -6.29
N GLU A 26 23.90 5.13 -5.31
CA GLU A 26 23.42 6.31 -4.61
C GLU A 26 23.28 7.50 -5.55
N ASN A 27 24.24 7.67 -6.48
CA ASN A 27 24.13 8.71 -7.51
C ASN A 27 22.87 8.52 -8.35
N VAL A 28 22.58 7.28 -8.74
CA VAL A 28 21.38 7.02 -9.54
C VAL A 28 20.13 7.38 -8.74
N LYS A 29 20.10 7.03 -7.45
CA LYS A 29 18.96 7.39 -6.61
C LYS A 29 18.80 8.91 -6.54
N ALA A 30 19.92 9.65 -6.49
CA ALA A 30 19.81 11.11 -6.47
C ALA A 30 19.26 11.65 -7.78
N LYS A 31 19.63 11.04 -8.91
CA LYS A 31 19.03 11.42 -10.19
C LYS A 31 17.54 11.16 -10.21
N ILE A 32 17.10 10.05 -9.58
CA ILE A 32 15.68 9.77 -9.49
C ILE A 32 14.97 10.82 -8.62
N GLN A 33 15.60 11.21 -7.51
CA GLN A 33 15.02 12.29 -6.70
C GLN A 33 14.91 13.57 -7.50
N ASP A 34 15.95 13.91 -8.28
CA ASP A 34 15.91 15.12 -9.08
C ASP A 34 14.76 15.12 -10.06
N LYS A 35 14.55 13.99 -10.74
CA LYS A 35 13.56 13.94 -11.80
C LYS A 35 12.15 13.69 -11.25
N GLU A 36 12.01 12.83 -10.25
CA GLU A 36 10.70 12.37 -9.80
C GLU A 36 10.31 12.84 -8.41
N GLY A 37 11.26 13.24 -7.58
CA GLY A 37 10.98 13.77 -6.27
C GLY A 37 11.11 12.78 -5.12
N ILE A 38 11.44 11.53 -5.39
CA ILE A 38 11.44 10.48 -4.36
C ILE A 38 12.75 10.54 -3.58
N PRO A 39 12.71 10.62 -2.24
CA PRO A 39 13.95 10.68 -1.45
C PRO A 39 14.76 9.41 -1.65
N PRO A 40 16.08 9.53 -1.83
CA PRO A 40 16.91 8.34 -2.02
C PRO A 40 16.79 7.30 -0.93
N ASP A 41 16.65 7.70 0.34
CA ASP A 41 16.65 6.66 1.37
C ASP A 41 15.37 5.84 1.38
N GLN A 42 14.38 6.22 0.57
CA GLN A 42 13.17 5.44 0.42
C GLN A 42 13.16 4.62 -0.87
N GLN A 43 14.29 4.54 -1.57
CA GLN A 43 14.37 3.80 -2.83
C GLN A 43 15.14 2.50 -2.65
N ARG A 44 14.58 1.41 -3.16
CA ARG A 44 15.34 0.21 -3.51
C ARG A 44 15.45 0.15 -5.02
N LEU A 45 16.65 -0.04 -5.55
CA LEU A 45 16.83 -0.28 -6.98
C LEU A 45 17.21 -1.73 -7.20
N ILE A 46 16.55 -2.37 -8.15
CA ILE A 46 16.68 -3.80 -8.38
C ILE A 46 17.00 -4.03 -9.85
N PHE A 47 17.93 -4.94 -10.13
CA PHE A 47 18.18 -5.35 -11.51
C PHE A 47 18.26 -6.86 -11.53
N ALA A 48 17.51 -7.47 -12.44
CA ALA A 48 17.50 -8.91 -12.61
C ALA A 48 17.41 -9.63 -11.26
N GLY A 49 16.50 -9.16 -10.41
CA GLY A 49 16.22 -9.79 -9.14
C GLY A 49 17.17 -9.47 -8.00
N LYS A 50 18.16 -8.61 -8.21
CA LYS A 50 19.16 -8.33 -7.20
C LYS A 50 19.02 -6.88 -6.75
N GLN A 51 18.96 -6.66 -5.43
CA GLN A 51 18.99 -5.31 -4.90
C GLN A 51 20.39 -4.75 -5.07
N LEU A 52 20.47 -3.54 -5.63
CA LEU A 52 21.76 -2.91 -5.91
C LEU A 52 22.20 -2.08 -4.70
N GLU A 53 23.47 -2.22 -4.33
CA GLU A 53 24.03 -1.61 -3.13
C GLU A 53 24.56 -0.21 -3.38
N ASP A 54 24.24 0.72 -2.46
CA ASP A 54 24.47 2.15 -2.67
C ASP A 54 25.88 2.49 -3.11
N GLY A 55 26.90 1.86 -2.50
CA GLY A 55 28.28 2.24 -2.74
C GLY A 55 28.93 1.63 -3.96
N ARG A 56 28.24 0.70 -4.61
CA ARG A 56 28.70 0.11 -5.86
C ARG A 56 28.24 0.96 -7.04
N THR A 57 28.88 0.76 -8.18
CA THR A 57 28.54 1.48 -9.41
C THR A 57 27.73 0.59 -10.36
N LEU A 58 27.14 1.25 -11.38
CA LEU A 58 26.49 0.49 -12.44
C LEU A 58 27.45 -0.47 -13.11
N SER A 59 28.70 -0.02 -13.35
CA SER A 59 29.71 -0.88 -13.94
C SER A 59 30.04 -2.07 -13.05
N ASP A 60 29.99 -1.90 -11.73
CA ASP A 60 30.21 -3.01 -10.80
C ASP A 60 29.18 -4.12 -10.96
N TYR A 61 28.02 -3.81 -11.53
CA TYR A 61 26.98 -4.80 -11.79
C TYR A 61 26.90 -5.13 -13.27
N ASN A 62 27.82 -4.59 -14.06
CA ASN A 62 27.83 -4.76 -15.51
C ASN A 62 26.45 -4.51 -16.10
N ILE A 63 25.82 -3.43 -15.63
CA ILE A 63 24.57 -2.96 -16.18
C ILE A 63 24.89 -2.11 -17.40
N GLN A 64 24.45 -2.56 -18.56
CA GLN A 64 24.85 -1.89 -19.78
C GLN A 64 23.71 -0.99 -20.27
N LYS A 65 24.00 -0.25 -21.34
CA LYS A 65 23.10 0.79 -21.81
C LYS A 65 21.72 0.23 -22.14
N GLU A 66 20.70 1.06 -21.89
CA GLU A 66 19.30 0.79 -22.16
C GLU A 66 18.71 -0.31 -21.30
N SER A 67 19.37 -0.70 -20.20
CA SER A 67 18.83 -1.65 -19.25
C SER A 67 17.67 -1.05 -18.49
N THR A 68 16.79 -1.92 -18.01
CA THR A 68 15.68 -1.56 -17.16
C THR A 68 15.96 -1.98 -15.72
N LEU A 69 16.01 -0.99 -14.82
CA LEU A 69 16.01 -1.22 -13.39
C LEU A 69 14.59 -1.14 -12.88
N HIS A 70 14.38 -1.66 -11.66
CA HIS A 70 13.09 -1.58 -11.00
C HIS A 70 13.22 -0.81 -9.70
N LEU A 71 12.28 0.09 -9.44
CA LEU A 71 12.24 0.90 -8.23
C LEU A 71 11.12 0.41 -7.34
N VAL A 72 11.46 0.07 -6.09
CA VAL A 72 10.52 -0.35 -5.07
C VAL A 72 10.74 0.56 -3.87
N LEU A 73 9.66 1.13 -3.34
CA LEU A 73 9.80 2.03 -2.20
C LEU A 73 10.01 1.24 -0.92
N ARG A 74 10.69 1.86 0.04
CA ARG A 74 10.86 1.22 1.34
C ARG A 74 10.50 2.22 2.43
N LEU A 75 9.98 1.69 3.53
CA LEU A 75 9.61 2.51 4.67
C LEU A 75 10.82 2.75 5.56
N ARG A 76 10.96 3.99 6.02
CA ARG A 76 12.03 4.35 6.95
C ARG A 76 11.46 4.78 8.29
N SER B 1 -2.50 -3.46 -18.08
CA SER B 1 -2.09 -3.21 -16.71
C SER B 1 -1.40 -4.43 -16.06
N TRP B 2 -0.72 -5.24 -16.88
CA TRP B 2 0.04 -6.34 -16.31
C TRP B 2 1.13 -5.80 -15.42
N LYS B 3 1.40 -6.51 -14.34
CA LYS B 3 2.40 -6.12 -13.35
C LYS B 3 3.42 -7.25 -13.25
N VAL B 4 4.68 -6.91 -13.05
CA VAL B 4 5.72 -7.93 -12.87
C VAL B 4 6.43 -7.71 -11.53
N CYS B 5 6.58 -8.78 -10.76
CA CYS B 5 7.36 -8.69 -9.54
C CYS B 5 8.84 -8.63 -9.88
N PRO B 6 9.56 -7.58 -9.48
CA PRO B 6 10.98 -7.52 -9.82
C PRO B 6 11.84 -8.50 -9.06
N MET B 7 11.31 -9.14 -8.02
CA MET B 7 12.13 -10.06 -7.21
C MET B 7 12.00 -11.51 -7.66
N CYS B 8 10.80 -11.96 -7.99
CA CYS B 8 10.62 -13.35 -8.41
C CYS B 8 10.15 -13.50 -9.85
N SER B 9 9.84 -12.39 -10.54
CA SER B 9 9.46 -12.37 -11.95
C SER B 9 8.06 -12.93 -12.21
N GLU B 10 7.28 -13.26 -11.18
CA GLU B 10 5.87 -13.59 -11.42
C GLU B 10 5.18 -12.39 -12.06
N GLN B 11 4.20 -12.69 -12.89
CA GLN B 11 3.42 -11.66 -13.56
C GLN B 11 2.01 -11.68 -12.99
N PHE B 12 1.41 -10.49 -12.90
CA PHE B 12 0.10 -10.30 -12.28
C PHE B 12 -0.83 -9.61 -13.27
N PRO B 13 -2.01 -10.15 -13.54
CA PRO B 13 -2.83 -9.63 -14.65
C PRO B 13 -3.40 -8.27 -14.32
N PRO B 14 -3.96 -7.57 -15.32
CA PRO B 14 -4.49 -6.22 -15.08
C PRO B 14 -5.47 -6.11 -13.92
N ASP B 15 -6.36 -7.08 -13.75
CA ASP B 15 -7.37 -6.98 -12.72
C ASP B 15 -6.87 -7.35 -11.33
N TYR B 16 -5.63 -7.82 -11.20
CA TYR B 16 -5.07 -8.13 -9.90
C TYR B 16 -4.85 -6.84 -9.12
N ASP B 17 -5.33 -6.81 -7.87
CA ASP B 17 -5.32 -5.57 -7.10
C ASP B 17 -3.91 -5.00 -6.97
N GLN B 18 -3.77 -3.73 -7.30
CA GLN B 18 -2.46 -3.08 -7.28
C GLN B 18 -1.83 -3.15 -5.88
N GLN B 19 -2.61 -2.86 -4.84
CA GLN B 19 -2.06 -2.80 -3.49
C GLN B 19 -1.64 -4.18 -3.00
N VAL B 20 -2.40 -5.21 -3.36
CA VAL B 20 -2.01 -6.57 -2.98
C VAL B 20 -0.75 -6.97 -3.72
N PHE B 21 -0.62 -6.57 -4.99
CA PHE B 21 0.60 -6.81 -5.75
C PHE B 21 1.81 -6.15 -5.08
N GLU B 22 1.67 -4.88 -4.69
CA GLU B 22 2.76 -4.18 -4.04
C GLU B 22 3.15 -4.86 -2.75
N ARG B 23 2.16 -5.33 -1.98
CA ARG B 23 2.43 -6.05 -0.74
C ARG B 23 3.20 -7.34 -1.02
N HIS B 24 2.83 -8.06 -2.07
CA HIS B 24 3.61 -9.22 -2.48
C HIS B 24 5.07 -8.86 -2.68
N VAL B 25 5.34 -7.80 -3.46
CA VAL B 25 6.71 -7.46 -3.77
C VAL B 25 7.49 -7.15 -2.50
N GLN B 26 6.88 -6.34 -1.62
CA GLN B 26 7.53 -5.93 -0.37
C GLN B 26 7.83 -7.12 0.52
N THR B 27 7.00 -8.16 0.48
CA THR B 27 7.19 -9.29 1.36
C THR B 27 8.49 -10.05 1.05
N HIS B 28 9.00 -9.96 -0.18
CA HIS B 28 10.29 -10.57 -0.49
C HIS B 28 11.43 -10.03 0.38
N PHE B 29 11.28 -8.82 0.93
CA PHE B 29 12.36 -8.31 1.78
C PHE B 29 12.24 -8.82 3.20
N ASP B 30 11.12 -9.46 3.55
CA ASP B 30 11.01 -10.29 4.74
C ASP B 30 11.48 -11.71 4.50
N GLN B 31 11.16 -12.27 3.34
CA GLN B 31 11.43 -13.66 3.05
C GLN B 31 11.53 -13.79 1.54
N ASN B 32 12.70 -14.21 1.06
CA ASN B 32 12.92 -14.15 -0.39
CA ASN B 32 12.96 -14.19 -0.39
C ASN B 32 12.03 -15.13 -1.13
N VAL B 33 11.85 -16.35 -0.62
CA VAL B 33 11.09 -17.38 -1.32
C VAL B 33 9.71 -17.47 -0.70
N LEU B 34 8.69 -17.12 -1.49
CA LEU B 34 7.31 -17.11 -1.05
C LEU B 34 6.49 -18.20 -1.69
N ASN B 35 7.03 -18.80 -2.75
CA ASN B 35 6.42 -19.71 -3.75
C ASN B 35 5.47 -19.06 -4.77
N GLY C 1 -5.41 31.80 -27.04
CA GLY C 1 -5.56 31.71 -25.60
C GLY C 1 -4.53 30.82 -24.92
N SER C 2 -3.42 30.55 -25.61
CA SER C 2 -2.38 29.67 -25.07
C SER C 2 -1.96 30.14 -23.68
N MET C 3 -1.74 29.17 -22.80
CA MET C 3 -1.33 29.46 -21.43
C MET C 3 -0.68 28.22 -20.86
N GLN C 4 -0.01 28.39 -19.73
CA GLN C 4 0.61 27.25 -19.05
C GLN C 4 -0.15 26.96 -17.76
N ILE C 5 -0.29 25.66 -17.46
CA ILE C 5 -0.68 25.20 -16.13
C ILE C 5 0.33 24.14 -15.70
N PHE C 6 0.22 23.75 -14.44
CA PHE C 6 1.16 22.79 -13.87
C PHE C 6 0.37 21.61 -13.33
N VAL C 7 1.02 20.44 -13.34
CA VAL C 7 0.46 19.23 -12.76
C VAL C 7 1.50 18.66 -11.81
N LYS C 8 1.13 18.53 -10.53
CA LYS C 8 2.02 18.00 -9.52
C LYS C 8 1.63 16.56 -9.21
N THR C 9 2.61 15.67 -9.18
CA THR C 9 2.37 14.28 -8.83
C THR C 9 2.61 14.07 -7.33
N LEU C 10 2.20 12.91 -6.84
CA LEU C 10 2.34 12.66 -5.40
C LEU C 10 3.78 12.48 -4.96
N THR C 11 4.70 12.13 -5.87
CA THR C 11 6.10 12.02 -5.48
C THR C 11 6.80 13.37 -5.46
N GLY C 12 6.16 14.41 -5.98
CA GLY C 12 6.67 15.76 -5.91
C GLY C 12 7.09 16.33 -7.24
N LYS C 13 6.97 15.56 -8.32
CA LYS C 13 7.34 16.05 -9.64
C LYS C 13 6.29 17.05 -10.13
N THR C 14 6.74 18.14 -10.74
CA THR C 14 5.84 19.12 -11.32
C THR C 14 6.06 19.19 -12.83
N ILE C 15 4.99 18.96 -13.57
CA ILE C 15 4.97 18.96 -15.02
C ILE C 15 4.35 20.28 -15.46
N THR C 16 4.92 20.95 -16.46
CA THR C 16 4.19 22.08 -17.01
C THR C 16 3.60 21.70 -18.35
N LEU C 17 2.35 22.13 -18.55
CA LEU C 17 1.58 21.83 -19.73
C LEU C 17 1.23 23.10 -20.48
N GLU C 18 1.28 23.03 -21.79
CA GLU C 18 0.75 24.09 -22.64
C GLU C 18 -0.70 23.74 -22.98
N VAL C 19 -1.62 24.64 -22.63
CA VAL C 19 -3.05 24.39 -22.74
C VAL C 19 -3.73 25.66 -23.24
N GLU C 20 -5.04 25.59 -23.36
CA GLU C 20 -5.87 26.76 -23.60
C GLU C 20 -7.17 26.56 -22.86
N PRO C 21 -7.92 27.62 -22.57
CA PRO C 21 -9.11 27.48 -21.72
C PRO C 21 -10.15 26.51 -22.27
N SER C 22 -10.21 26.32 -23.59
CA SER C 22 -11.20 25.41 -24.14
C SER C 22 -10.75 23.96 -24.14
N ASP C 23 -9.53 23.67 -23.70
CA ASP C 23 -9.12 22.26 -23.59
C ASP C 23 -10.01 21.54 -22.59
N THR C 24 -10.44 20.34 -22.94
CA THR C 24 -11.18 19.49 -22.02
C THR C 24 -10.21 18.81 -21.06
N ILE C 25 -10.76 18.34 -19.94
CA ILE C 25 -9.96 17.55 -19.01
C ILE C 25 -9.38 16.33 -19.72
N GLU C 26 -10.15 15.72 -20.62
CA GLU C 26 -9.63 14.59 -21.40
C GLU C 26 -8.42 14.99 -22.23
N ASN C 27 -8.47 16.17 -22.86
CA ASN C 27 -7.31 16.70 -23.57
C ASN C 27 -6.12 16.85 -22.65
N VAL C 28 -6.35 17.36 -21.44
CA VAL C 28 -5.26 17.55 -20.50
C VAL C 28 -4.65 16.20 -20.12
N LYS C 29 -5.49 15.19 -19.92
CA LYS C 29 -4.98 13.86 -19.58
C LYS C 29 -4.15 13.28 -20.73
N ALA C 30 -4.55 13.58 -21.97
CA ALA C 30 -3.76 13.13 -23.11
C ALA C 30 -2.37 13.78 -23.11
N LYS C 31 -2.29 15.06 -22.75
CA LYS C 31 -0.99 15.71 -22.66
C LYS C 31 -0.13 15.08 -21.57
N ILE C 32 -0.76 14.66 -20.47
CA ILE C 32 -0.03 13.99 -19.39
C ILE C 32 0.45 12.62 -19.85
N GLN C 33 -0.39 11.92 -20.62
CA GLN C 33 0.05 10.64 -21.17
C GLN C 33 1.25 10.81 -22.08
N ASP C 34 1.25 11.85 -22.93
CA ASP C 34 2.41 12.11 -23.79
C ASP C 34 3.68 12.31 -22.98
N LYS C 35 3.59 13.03 -21.86
CA LYS C 35 4.79 13.40 -21.12
C LYS C 35 5.22 12.31 -20.14
N GLU C 36 4.27 11.63 -19.51
CA GLU C 36 4.59 10.71 -18.43
C GLU C 36 4.34 9.26 -18.77
N GLY C 37 3.62 8.96 -19.85
CA GLY C 37 3.32 7.58 -20.19
C GLY C 37 2.16 6.96 -19.43
N ILE C 38 1.44 7.75 -18.65
CA ILE C 38 0.35 7.25 -17.82
C ILE C 38 -0.93 7.26 -18.65
N PRO C 39 -1.59 6.12 -18.85
CA PRO C 39 -2.86 6.11 -19.60
C PRO C 39 -3.88 7.02 -18.95
N PRO C 40 -4.67 7.73 -19.75
CA PRO C 40 -5.72 8.60 -19.17
C PRO C 40 -6.70 7.88 -18.27
N ASP C 41 -7.02 6.60 -18.52
CA ASP C 41 -7.97 5.96 -17.62
C ASP C 41 -7.38 5.66 -16.25
N GLN C 42 -6.07 5.88 -16.06
CA GLN C 42 -5.44 5.75 -14.76
C GLN C 42 -5.24 7.09 -14.07
N GLN C 43 -5.75 8.18 -14.63
CA GLN C 43 -5.48 9.51 -14.13
C GLN C 43 -6.69 10.12 -13.43
N ARG C 44 -6.50 10.51 -12.18
CA ARG C 44 -7.41 11.41 -11.48
CA ARG C 44 -7.42 11.41 -11.48
C ARG C 44 -6.77 12.80 -11.49
N LEU C 45 -7.44 13.77 -12.07
CA LEU C 45 -6.96 15.15 -12.03
C LEU C 45 -7.76 15.95 -11.03
N ILE C 46 -7.07 16.60 -10.10
CA ILE C 46 -7.68 17.28 -8.96
CA ILE C 46 -7.71 17.29 -8.98
C ILE C 46 -7.30 18.75 -9.00
N PHE C 47 -8.28 19.64 -8.81
CA PHE C 47 -7.95 21.04 -8.55
C PHE C 47 -8.74 21.51 -7.35
N ALA C 48 -8.05 22.13 -6.39
CA ALA C 48 -8.68 22.66 -5.19
C ALA C 48 -9.62 21.65 -4.56
N GLY C 49 -9.15 20.40 -4.45
CA GLY C 49 -9.87 19.36 -3.76
C GLY C 49 -10.96 18.67 -4.55
N LYS C 50 -11.16 19.01 -5.82
CA LYS C 50 -12.25 18.47 -6.62
C LYS C 50 -11.67 17.67 -7.78
N GLN C 51 -12.15 16.44 -7.96
CA GLN C 51 -11.78 15.68 -9.15
C GLN C 51 -12.51 16.24 -10.36
N LEU C 52 -11.75 16.58 -11.40
CA LEU C 52 -12.31 17.20 -12.59
C LEU C 52 -12.82 16.15 -13.57
N GLU C 53 -13.93 16.48 -14.24
CA GLU C 53 -14.61 15.53 -15.14
C GLU C 53 -14.09 15.67 -16.56
N ASP C 54 -13.92 14.51 -17.22
CA ASP C 54 -13.26 14.43 -18.53
C ASP C 54 -13.87 15.36 -19.58
N GLY C 55 -15.20 15.47 -19.60
CA GLY C 55 -15.90 16.19 -20.66
C GLY C 55 -16.01 17.68 -20.49
N ARG C 56 -15.63 18.20 -19.34
CA ARG C 56 -15.65 19.63 -19.07
C ARG C 56 -14.32 20.27 -19.48
N THR C 57 -14.35 21.58 -19.66
CA THR C 57 -13.15 22.32 -20.05
C THR C 57 -12.53 23.01 -18.84
N LEU C 58 -11.28 23.44 -19.01
CA LEU C 58 -10.65 24.27 -18.00
C LEU C 58 -11.48 25.51 -17.71
N SER C 59 -12.04 26.12 -18.77
CA SER C 59 -12.88 27.30 -18.60
C SER C 59 -14.14 26.97 -17.79
N ASP C 60 -14.70 25.78 -17.96
CA ASP C 60 -15.90 25.37 -17.22
C ASP C 60 -15.65 25.36 -15.72
N TYR C 61 -14.40 25.20 -15.30
CA TYR C 61 -14.02 25.22 -13.91
C TYR C 61 -13.34 26.52 -13.51
N ASN C 62 -13.27 27.50 -14.43
CA ASN C 62 -12.59 28.77 -14.20
C ASN C 62 -11.18 28.56 -13.64
N ILE C 63 -10.47 27.60 -14.23
CA ILE C 63 -9.08 27.35 -13.90
C ILE C 63 -8.21 28.30 -14.75
N GLN C 64 -7.49 29.18 -14.07
CA GLN C 64 -6.71 30.27 -14.66
C GLN C 64 -5.30 29.82 -15.01
N LYS C 65 -4.61 30.64 -15.82
CA LYS C 65 -3.21 30.39 -16.09
C LYS C 65 -2.42 30.27 -14.78
N GLU C 66 -1.39 29.43 -14.82
CA GLU C 66 -0.45 29.20 -13.73
C GLU C 66 -1.07 28.44 -12.57
N SER C 67 -2.28 27.90 -12.74
CA SER C 67 -2.85 27.00 -11.73
C SER C 67 -2.07 25.70 -11.67
N THR C 68 -2.08 25.07 -10.49
CA THR C 68 -1.45 23.76 -10.28
C THR C 68 -2.53 22.73 -9.99
N LEU C 69 -2.67 21.78 -10.90
CA LEU C 69 -3.52 20.62 -10.72
C LEU C 69 -2.71 19.52 -10.03
N HIS C 70 -3.42 18.55 -9.48
CA HIS C 70 -2.76 17.40 -8.88
C HIS C 70 -3.18 16.12 -9.59
N LEU C 71 -2.20 15.26 -9.84
CA LEU C 71 -2.44 13.98 -10.49
C LEU C 71 -2.36 12.87 -9.45
N VAL C 72 -3.42 12.08 -9.35
CA VAL C 72 -3.46 10.91 -8.49
C VAL C 72 -3.78 9.70 -9.37
N LEU C 73 -3.01 8.63 -9.22
CA LEU C 73 -3.25 7.47 -10.04
C LEU C 73 -4.53 6.75 -9.61
N ARG C 74 -5.21 6.17 -10.58
CA ARG C 74 -6.39 5.34 -10.35
C ARG C 74 -6.00 3.93 -10.76
N LEU C 75 -5.70 3.11 -9.74
CA LEU C 75 -5.11 1.77 -9.85
C LEU C 75 -3.85 1.69 -10.73
N SER D 1 11.46 17.90 0.02
CA SER D 1 10.32 18.76 -0.21
C SER D 1 9.09 18.25 0.54
N TRP D 2 8.28 19.17 1.04
CA TRP D 2 7.07 18.78 1.75
C TRP D 2 6.05 18.18 0.77
N LYS D 3 5.16 17.34 1.31
CA LYS D 3 4.06 16.75 0.54
C LYS D 3 2.76 17.39 1.00
N VAL D 4 1.88 17.71 0.06
CA VAL D 4 0.54 18.20 0.40
C VAL D 4 -0.48 17.23 -0.16
N CYS D 5 -1.46 16.86 0.67
CA CYS D 5 -2.53 16.03 0.17
C CYS D 5 -3.44 16.86 -0.72
N PRO D 6 -3.70 16.42 -1.96
CA PRO D 6 -4.58 17.20 -2.85
C PRO D 6 -6.03 17.25 -2.39
N MET D 7 -6.44 16.40 -1.45
CA MET D 7 -7.84 16.29 -1.10
C MET D 7 -8.20 16.87 0.25
N CYS D 8 -7.23 17.08 1.12
CA CYS D 8 -7.53 17.68 2.42
C CYS D 8 -6.51 18.69 2.92
N SER D 9 -5.40 18.91 2.21
CA SER D 9 -4.40 19.89 2.64
C SER D 9 -3.80 19.59 4.03
N GLU D 10 -3.93 18.38 4.59
CA GLU D 10 -2.93 17.93 5.54
C GLU D 10 -1.58 18.03 4.86
N GLN D 11 -0.53 18.32 5.63
CA GLN D 11 0.81 18.49 5.10
C GLN D 11 1.74 17.45 5.73
N PHE D 12 2.71 16.99 4.93
CA PHE D 12 3.56 15.87 5.32
C PHE D 12 5.03 16.24 5.12
N PRO D 13 5.88 16.06 6.12
CA PRO D 13 7.27 16.53 6.02
C PRO D 13 8.06 15.76 4.97
N PRO D 14 9.19 16.32 4.53
CA PRO D 14 10.00 15.64 3.50
C PRO D 14 10.36 14.20 3.84
N ASP D 15 10.63 13.89 5.11
CA ASP D 15 11.03 12.55 5.53
C ASP D 15 9.87 11.61 5.77
N TYR D 16 8.63 12.08 5.65
CA TYR D 16 7.47 11.21 5.85
C TYR D 16 7.46 10.13 4.78
N ASP D 17 7.13 8.90 5.17
CA ASP D 17 7.19 7.78 4.24
C ASP D 17 6.27 8.00 3.04
N GLN D 18 6.86 7.91 1.84
CA GLN D 18 6.12 8.15 0.61
C GLN D 18 4.94 7.20 0.48
N GLN D 19 5.14 5.91 0.80
CA GLN D 19 4.06 4.95 0.65
C GLN D 19 2.90 5.26 1.58
N VAL D 20 3.21 5.67 2.81
CA VAL D 20 2.14 6.02 3.74
C VAL D 20 1.38 7.24 3.27
N PHE D 21 2.09 8.25 2.76
CA PHE D 21 1.44 9.43 2.20
C PHE D 21 0.54 9.05 1.02
N GLU D 22 1.05 8.24 0.09
CA GLU D 22 0.22 7.87 -1.06
C GLU D 22 -0.99 7.06 -0.63
N ARG D 23 -0.83 6.17 0.35
CA ARG D 23 -1.97 5.43 0.86
C ARG D 23 -3.03 6.36 1.41
N HIS D 24 -2.61 7.39 2.15
CA HIS D 24 -3.55 8.35 2.68
C HIS D 24 -4.36 8.99 1.57
N VAL D 25 -3.67 9.47 0.53
CA VAL D 25 -4.35 10.17 -0.57
C VAL D 25 -5.36 9.25 -1.23
N GLN D 26 -4.94 8.02 -1.54
CA GLN D 26 -5.85 7.04 -2.15
C GLN D 26 -7.08 6.79 -1.30
N THR D 27 -6.94 6.81 0.03
CA THR D 27 -8.08 6.50 0.89
C THR D 27 -9.21 7.52 0.71
N HIS D 28 -8.89 8.76 0.33
CA HIS D 28 -9.93 9.74 0.06
C HIS D 28 -10.90 9.28 -1.02
N PHE D 29 -10.52 8.35 -1.89
CA PHE D 29 -11.46 7.93 -2.93
C PHE D 29 -12.33 6.78 -2.47
N ASP D 30 -12.03 6.21 -1.29
CA ASP D 30 -13.01 5.40 -0.56
C ASP D 30 -13.92 6.27 0.28
N GLN D 31 -13.39 7.36 0.83
CA GLN D 31 -14.14 8.21 1.75
C GLN D 31 -13.51 9.60 1.68
N ASN D 32 -14.23 10.57 1.14
CA ASN D 32 -13.61 11.88 0.89
C ASN D 32 -13.20 12.55 2.19
N VAL D 33 -14.02 12.46 3.23
CA VAL D 33 -13.80 13.20 4.47
C VAL D 33 -13.13 12.25 5.45
N LEU D 34 -11.84 12.49 5.71
CA LEU D 34 -11.06 11.62 6.58
C LEU D 34 -10.63 12.29 7.87
N ASN D 35 -10.83 13.60 8.01
CA ASN D 35 -10.42 14.34 9.21
C ASN D 35 -11.47 15.36 9.60
N SER E 2 -19.70 -21.06 2.77
CA SER E 2 -18.97 -19.94 2.20
C SER E 2 -19.90 -19.09 1.34
N MET E 3 -19.74 -17.77 1.40
CA MET E 3 -20.65 -16.90 0.67
C MET E 3 -19.96 -15.59 0.33
N GLN E 4 -20.51 -14.91 -0.66
CA GLN E 4 -20.03 -13.61 -1.10
C GLN E 4 -20.87 -12.53 -0.45
N ILE E 5 -20.19 -11.51 0.10
CA ILE E 5 -20.85 -10.30 0.57
C ILE E 5 -20.12 -9.09 -0.01
N PHE E 6 -20.79 -7.95 0.07
CA PHE E 6 -20.28 -6.70 -0.46
C PHE E 6 -20.12 -5.73 0.70
N VAL E 7 -19.05 -4.95 0.66
CA VAL E 7 -18.83 -3.88 1.63
C VAL E 7 -18.68 -2.59 0.85
N LYS E 8 -19.57 -1.64 1.09
CA LYS E 8 -19.64 -0.39 0.34
C LYS E 8 -19.11 0.75 1.19
N THR E 9 -18.22 1.57 0.61
CA THR E 9 -17.71 2.76 1.27
C THR E 9 -18.60 3.96 0.99
N LEU E 10 -18.29 5.10 1.62
CA LEU E 10 -19.17 6.26 1.48
C LEU E 10 -19.16 6.88 0.09
N THR E 11 -18.09 6.67 -0.69
CA THR E 11 -18.10 7.08 -2.09
C THR E 11 -18.74 6.06 -3.01
N GLY E 12 -19.25 4.95 -2.48
CA GLY E 12 -19.88 3.94 -3.30
C GLY E 12 -18.96 2.86 -3.82
N LYS E 13 -17.68 2.89 -3.47
CA LYS E 13 -16.76 1.82 -3.86
C LYS E 13 -17.17 0.53 -3.19
N THR E 14 -17.10 -0.58 -3.93
CA THR E 14 -17.52 -1.89 -3.43
C THR E 14 -16.31 -2.80 -3.23
N ILE E 15 -16.21 -3.36 -2.03
CA ILE E 15 -15.23 -4.39 -1.69
C ILE E 15 -15.97 -5.72 -1.62
N THR E 16 -15.59 -6.67 -2.47
CA THR E 16 -16.24 -7.98 -2.47
C THR E 16 -15.42 -8.96 -1.63
N LEU E 17 -16.08 -9.65 -0.70
CA LEU E 17 -15.45 -10.56 0.24
C LEU E 17 -16.08 -11.94 0.15
N GLU E 18 -15.25 -12.97 0.32
CA GLU E 18 -15.73 -14.32 0.56
C GLU E 18 -15.61 -14.60 2.04
N VAL E 19 -16.73 -14.98 2.66
CA VAL E 19 -16.83 -15.10 4.11
C VAL E 19 -17.62 -16.35 4.46
N GLU E 20 -17.57 -16.68 5.75
CA GLU E 20 -18.35 -17.75 6.33
C GLU E 20 -19.34 -17.17 7.33
N PRO E 21 -20.53 -17.76 7.46
CA PRO E 21 -21.49 -17.27 8.47
C PRO E 21 -20.91 -17.22 9.87
N SER E 22 -19.97 -18.11 10.19
CA SER E 22 -19.38 -18.14 11.53
C SER E 22 -18.20 -17.18 11.69
N ASP E 23 -17.83 -16.45 10.64
CA ASP E 23 -16.77 -15.47 10.79
C ASP E 23 -17.24 -14.35 11.71
N THR E 24 -16.34 -13.91 12.58
CA THR E 24 -16.65 -12.77 13.43
C THR E 24 -16.51 -11.48 12.64
N ILE E 25 -17.15 -10.43 13.18
CA ILE E 25 -16.98 -9.10 12.61
C ILE E 25 -15.51 -8.69 12.64
N GLU E 26 -14.78 -9.08 13.70
CA GLU E 26 -13.35 -8.80 13.75
C GLU E 26 -12.60 -9.49 12.62
N ASN E 27 -12.96 -10.76 12.33
CA ASN E 27 -12.37 -11.46 11.19
C ASN E 27 -12.64 -10.71 9.89
N VAL E 28 -13.86 -10.21 9.72
CA VAL E 28 -14.21 -9.50 8.49
C VAL E 28 -13.38 -8.22 8.36
N LYS E 29 -13.19 -7.49 9.47
CA LYS E 29 -12.34 -6.30 9.40
C LYS E 29 -10.91 -6.66 8.99
N ALA E 30 -10.40 -7.80 9.48
CA ALA E 30 -9.07 -8.22 9.10
C ALA E 30 -9.01 -8.59 7.62
N LYS E 31 -10.09 -9.19 7.08
CA LYS E 31 -10.18 -9.44 5.65
C LYS E 31 -10.17 -8.14 4.86
N ILE E 32 -10.85 -7.11 5.36
CA ILE E 32 -10.83 -5.81 4.70
C ILE E 32 -9.43 -5.21 4.72
N GLN E 33 -8.72 -5.38 5.84
CA GLN E 33 -7.33 -4.91 5.87
C GLN E 33 -6.48 -5.62 4.83
N ASP E 34 -6.67 -6.94 4.66
CA ASP E 34 -5.92 -7.68 3.65
C ASP E 34 -6.19 -7.14 2.25
N LYS E 35 -7.46 -6.84 1.94
CA LYS E 35 -7.85 -6.41 0.60
C LYS E 35 -7.57 -4.93 0.36
N GLU E 36 -7.68 -4.11 1.41
CA GLU E 36 -7.65 -2.66 1.24
C GLU E 36 -6.61 -1.95 2.11
N GLY E 37 -5.97 -2.63 3.05
CA GLY E 37 -4.94 -1.99 3.84
C GLY E 37 -5.43 -1.09 4.95
N ILE E 38 -6.71 -1.12 5.29
CA ILE E 38 -7.28 -0.25 6.32
C ILE E 38 -7.18 -0.96 7.66
N PRO E 39 -6.55 -0.36 8.67
CA PRO E 39 -6.45 -1.02 9.97
C PRO E 39 -7.81 -1.25 10.58
N PRO E 40 -8.05 -2.42 11.16
CA PRO E 40 -9.38 -2.71 11.76
C PRO E 40 -9.83 -1.69 12.79
N ASP E 41 -8.92 -1.13 13.60
CA ASP E 41 -9.46 -0.21 14.59
C ASP E 41 -9.93 1.11 13.99
N GLN E 42 -9.76 1.32 12.69
CA GLN E 42 -10.32 2.49 12.01
C GLN E 42 -11.65 2.18 11.33
N GLN E 43 -12.08 0.93 11.31
CA GLN E 43 -13.24 0.50 10.55
C GLN E 43 -14.49 0.48 11.42
N ARG E 44 -15.53 1.20 11.00
CA ARG E 44 -16.90 0.96 11.45
C ARG E 44 -17.57 0.10 10.38
N LEU E 45 -18.00 -1.11 10.75
CA LEU E 45 -18.85 -1.89 9.87
C LEU E 45 -20.30 -1.74 10.32
N ILE E 46 -21.18 -1.52 9.34
CA ILE E 46 -22.56 -1.13 9.60
C ILE E 46 -23.48 -2.00 8.77
N PHE E 47 -24.53 -2.52 9.40
CA PHE E 47 -25.56 -3.27 8.67
C PHE E 47 -26.88 -3.00 9.36
N ALA E 48 -27.94 -2.80 8.56
CA ALA E 48 -29.28 -2.55 9.10
C ALA E 48 -29.29 -1.39 10.10
N GLY E 49 -28.45 -0.38 9.85
CA GLY E 49 -28.35 0.77 10.72
C GLY E 49 -27.69 0.54 12.05
N LYS E 50 -27.08 -0.62 12.26
CA LYS E 50 -26.38 -0.92 13.50
C LYS E 50 -24.88 -0.84 13.25
N GLN E 51 -24.12 -0.33 14.22
CA GLN E 51 -22.68 -0.58 14.20
C GLN E 51 -22.41 -1.96 14.76
N LEU E 52 -21.65 -2.75 14.02
CA LEU E 52 -21.51 -4.16 14.35
C LEU E 52 -20.46 -4.38 15.43
N GLU E 53 -20.72 -5.40 16.27
CA GLU E 53 -19.86 -5.76 17.40
C GLU E 53 -18.80 -6.76 16.95
N ASP E 54 -17.53 -6.47 17.30
CA ASP E 54 -16.40 -7.26 16.81
C ASP E 54 -16.51 -8.75 17.16
N GLY E 55 -17.02 -9.05 18.34
CA GLY E 55 -17.07 -10.42 18.81
C GLY E 55 -18.23 -11.24 18.31
N ARG E 56 -19.21 -10.62 17.66
CA ARG E 56 -20.33 -11.34 17.09
C ARG E 56 -19.98 -11.86 15.70
N THR E 57 -20.78 -12.82 15.21
CA THR E 57 -20.59 -13.40 13.89
C THR E 57 -21.49 -12.74 12.86
N LEU E 58 -21.14 -12.95 11.58
CA LEU E 58 -22.04 -12.51 10.53
C LEU E 58 -23.42 -13.13 10.70
N SER E 59 -23.47 -14.40 11.12
CA SER E 59 -24.75 -15.07 11.28
C SER E 59 -25.58 -14.47 12.41
N ASP E 60 -24.93 -13.91 13.46
CA ASP E 60 -25.68 -13.27 14.53
C ASP E 60 -26.54 -12.13 14.00
N TYR E 61 -26.07 -11.47 12.95
CA TYR E 61 -26.75 -10.34 12.33
C TYR E 61 -27.60 -10.75 11.14
N ASN E 62 -27.78 -12.05 10.94
CA ASN E 62 -28.56 -12.56 9.82
C ASN E 62 -28.01 -12.04 8.49
N ILE E 63 -26.70 -11.90 8.41
CA ILE E 63 -26.07 -11.48 7.16
C ILE E 63 -25.92 -12.71 6.27
N GLN E 64 -26.73 -12.79 5.22
CA GLN E 64 -26.76 -13.93 4.32
C GLN E 64 -26.16 -13.55 2.97
N LYS E 65 -26.23 -14.46 2.00
CA LYS E 65 -25.42 -14.31 0.81
C LYS E 65 -25.82 -13.06 0.01
N GLU E 66 -24.80 -12.40 -0.54
CA GLU E 66 -24.93 -11.19 -1.34
C GLU E 66 -25.51 -10.02 -0.56
N SER E 67 -25.39 -10.05 0.77
CA SER E 67 -25.71 -8.89 1.60
C SER E 67 -24.72 -7.77 1.32
N THR E 68 -25.17 -6.54 1.57
CA THR E 68 -24.31 -5.36 1.49
C THR E 68 -24.12 -4.77 2.88
N LEU E 69 -22.88 -4.72 3.33
CA LEU E 69 -22.48 -3.99 4.53
C LEU E 69 -21.96 -2.63 4.14
N HIS E 70 -21.83 -1.75 5.13
CA HIS E 70 -21.28 -0.43 4.90
C HIS E 70 -20.03 -0.23 5.76
N LEU E 71 -19.01 0.35 5.16
CA LEU E 71 -17.75 0.65 5.83
C LEU E 71 -17.62 2.16 5.93
N VAL E 72 -17.44 2.65 7.16
CA VAL E 72 -17.15 4.05 7.42
C VAL E 72 -15.88 4.11 8.24
N LEU E 73 -14.94 4.94 7.82
CA LEU E 73 -13.67 5.07 8.54
C LEU E 73 -13.75 6.15 9.60
N ARG E 74 -13.16 5.85 10.75
CA ARG E 74 -13.04 6.83 11.82
C ARG E 74 -12.24 8.03 11.35
N LEU E 75 -12.66 9.22 11.78
CA LEU E 75 -11.97 10.43 11.39
C LEU E 75 -10.68 10.59 12.19
N ARG E 76 -9.68 11.17 11.56
CA ARG E 76 -8.38 11.34 12.20
C ARG E 76 -7.98 12.81 12.30
N TRP F 2 -27.21 7.76 -6.54
CA TRP F 2 -27.94 8.09 -5.31
C TRP F 2 -27.09 7.78 -4.08
N LYS F 3 -27.14 8.67 -3.09
CA LYS F 3 -26.30 8.59 -1.91
C LYS F 3 -27.19 8.32 -0.70
N VAL F 4 -27.02 7.14 -0.10
CA VAL F 4 -27.89 6.71 1.00
C VAL F 4 -27.08 6.65 2.28
N CYS F 5 -27.53 7.36 3.30
CA CYS F 5 -26.82 7.32 4.58
C CYS F 5 -26.89 5.91 5.17
N PRO F 6 -25.77 5.29 5.55
CA PRO F 6 -25.84 3.93 6.12
C PRO F 6 -26.50 3.89 7.49
N MET F 7 -26.56 5.00 8.22
CA MET F 7 -27.11 4.97 9.57
C MET F 7 -28.61 5.24 9.60
N CYS F 8 -29.09 6.24 8.86
CA CYS F 8 -30.51 6.59 8.89
C CYS F 8 -31.24 6.30 7.58
N SER F 9 -30.51 5.88 6.54
CA SER F 9 -31.05 5.48 5.25
C SER F 9 -31.73 6.62 4.50
N GLU F 10 -31.51 7.87 4.89
CA GLU F 10 -31.99 8.97 4.06
C GLU F 10 -31.32 8.91 2.69
N GLN F 11 -32.10 9.24 1.66
CA GLN F 11 -31.70 9.07 0.27
C GLN F 11 -31.49 10.46 -0.33
N PHE F 12 -30.25 10.74 -0.71
CA PHE F 12 -29.88 12.02 -1.30
C PHE F 12 -29.63 11.85 -2.80
N PRO F 13 -30.02 12.82 -3.62
CA PRO F 13 -29.99 12.64 -5.07
C PRO F 13 -28.58 12.64 -5.62
N PRO F 14 -28.41 12.23 -6.88
CA PRO F 14 -27.06 12.10 -7.45
C PRO F 14 -26.21 13.37 -7.42
N ASP F 15 -26.79 14.54 -7.63
CA ASP F 15 -26.02 15.78 -7.60
C ASP F 15 -25.89 16.34 -6.18
N TYR F 16 -26.31 15.60 -5.17
CA TYR F 16 -26.03 15.99 -3.79
C TYR F 16 -24.53 15.94 -3.56
N ASP F 17 -24.00 16.96 -2.91
CA ASP F 17 -22.55 17.09 -2.78
C ASP F 17 -21.98 16.00 -1.88
N GLN F 18 -20.94 15.33 -2.37
CA GLN F 18 -20.37 14.20 -1.62
C GLN F 18 -19.86 14.63 -0.24
N GLN F 19 -19.23 15.80 -0.15
CA GLN F 19 -18.70 16.21 1.15
C GLN F 19 -19.83 16.55 2.12
N VAL F 20 -20.87 17.23 1.63
CA VAL F 20 -22.03 17.50 2.47
C VAL F 20 -22.65 16.19 2.94
N PHE F 21 -22.76 15.22 2.03
CA PHE F 21 -23.31 13.91 2.38
C PHE F 21 -22.47 13.24 3.47
N GLU F 22 -21.15 13.22 3.29
CA GLU F 22 -20.33 12.53 4.26
C GLU F 22 -20.35 13.23 5.61
N ARG F 23 -20.37 14.57 5.62
CA ARG F 23 -20.47 15.26 6.90
C ARG F 23 -21.79 14.92 7.59
N HIS F 24 -22.86 14.77 6.82
CA HIS F 24 -24.11 14.29 7.41
C HIS F 24 -23.90 12.93 8.08
N VAL F 25 -23.29 11.99 7.38
CA VAL F 25 -23.11 10.65 7.94
C VAL F 25 -22.32 10.74 9.24
N GLN F 26 -21.27 11.56 9.24
CA GLN F 26 -20.41 11.64 10.41
C GLN F 26 -21.12 12.24 11.62
N THR F 27 -22.22 12.99 11.44
CA THR F 27 -22.97 13.49 12.60
C THR F 27 -23.61 12.36 13.41
N HIS F 28 -23.69 11.16 12.86
CA HIS F 28 -24.23 10.03 13.62
C HIS F 28 -23.24 9.49 14.65
N PHE F 29 -21.96 9.87 14.58
CA PHE F 29 -20.93 9.28 15.43
C PHE F 29 -20.37 10.34 16.37
N ASP F 30 -19.80 9.87 17.48
CA ASP F 30 -19.12 10.78 18.40
C ASP F 30 -17.79 11.20 17.79
N GLN F 31 -17.58 12.50 17.69
CA GLN F 31 -16.33 13.05 17.15
C GLN F 31 -15.51 13.73 18.24
N ASN F 32 -15.71 13.29 19.48
CA ASN F 32 -15.04 13.92 20.61
C ASN F 32 -13.87 13.08 21.13
N SER G 2 3.53 -1.09 28.64
CA SER G 2 3.83 -1.50 27.27
C SER G 2 5.34 -1.54 27.02
N MET G 3 5.72 -2.36 26.05
CA MET G 3 7.12 -2.66 25.79
C MET G 3 7.28 -2.92 24.30
N GLN G 4 8.53 -3.05 23.88
CA GLN G 4 8.86 -3.47 22.53
C GLN G 4 9.29 -4.93 22.53
N ILE G 5 8.90 -5.65 21.48
CA ILE G 5 9.53 -6.92 21.14
C ILE G 5 9.99 -6.81 19.68
N PHE G 6 10.89 -7.72 19.30
CA PHE G 6 11.47 -7.74 17.98
C PHE G 6 11.13 -9.05 17.29
N VAL G 7 10.77 -8.96 16.01
CA VAL G 7 10.42 -10.13 15.22
C VAL G 7 11.37 -10.17 14.02
N LYS G 8 12.21 -11.20 13.96
CA LYS G 8 13.24 -11.32 12.93
C LYS G 8 12.76 -12.27 11.83
N THR G 9 12.89 -11.85 10.58
CA THR G 9 12.46 -12.65 9.44
C THR G 9 13.65 -13.41 8.84
N LEU G 10 13.36 -14.24 7.85
CA LEU G 10 14.40 -15.12 7.31
C LEU G 10 15.51 -14.36 6.57
N THR G 11 15.23 -13.15 6.09
CA THR G 11 16.25 -12.28 5.51
C THR G 11 17.05 -11.53 6.56
N GLY G 12 16.74 -11.71 7.84
CA GLY G 12 17.40 -10.94 8.88
C GLY G 12 16.74 -9.62 9.18
N LYS G 13 15.69 -9.25 8.46
CA LYS G 13 14.98 -8.01 8.74
C LYS G 13 14.33 -8.09 10.12
N THR G 14 14.34 -6.98 10.85
CA THR G 14 13.80 -6.92 12.20
C THR G 14 12.60 -5.98 12.24
N ILE G 15 11.47 -6.51 12.68
CA ILE G 15 10.24 -5.77 12.88
C ILE G 15 10.14 -5.48 14.37
N THR G 16 9.96 -4.22 14.76
CA THR G 16 9.75 -4.01 16.18
C THR G 16 8.29 -3.63 16.42
N LEU G 17 7.72 -4.25 17.45
CA LEU G 17 6.31 -4.14 17.78
C LEU G 17 6.16 -3.53 19.16
N GLU G 18 5.11 -2.74 19.33
CA GLU G 18 4.69 -2.26 20.65
C GLU G 18 3.64 -3.22 21.19
N VAL G 19 3.92 -3.83 22.33
CA VAL G 19 3.08 -4.90 22.87
C VAL G 19 2.95 -4.75 24.38
N GLU G 20 2.09 -5.56 24.96
CA GLU G 20 1.90 -5.80 26.38
C GLU G 20 2.08 -7.27 26.68
N PRO G 21 2.53 -7.64 27.89
CA PRO G 21 2.70 -9.06 28.20
C PRO G 21 1.43 -9.89 28.07
N SER G 22 0.27 -9.27 28.26
CA SER G 22 -1.01 -9.96 28.15
C SER G 22 -1.47 -10.10 26.71
N ASP G 23 -0.75 -9.52 25.74
CA ASP G 23 -1.13 -9.66 24.35
C ASP G 23 -1.05 -11.12 23.92
N THR G 24 -2.05 -11.56 23.17
CA THR G 24 -2.02 -12.91 22.64
C THR G 24 -1.17 -12.98 21.39
N ILE G 25 -0.76 -14.20 21.04
CA ILE G 25 -0.03 -14.39 19.80
C ILE G 25 -0.87 -13.92 18.61
N GLU G 26 -2.18 -14.15 18.66
CA GLU G 26 -2.99 -13.64 17.56
C GLU G 26 -3.02 -12.11 17.54
N ASN G 27 -2.98 -11.45 18.70
CA ASN G 27 -2.82 -9.99 18.73
C ASN G 27 -1.51 -9.56 18.07
N VAL G 28 -0.43 -10.30 18.34
CA VAL G 28 0.87 -9.95 17.76
C VAL G 28 0.87 -10.13 16.24
N LYS G 29 0.23 -11.19 15.75
CA LYS G 29 0.12 -11.36 14.30
C LYS G 29 -0.69 -10.24 13.67
N ALA G 30 -1.70 -9.73 14.39
CA ALA G 30 -2.46 -8.60 13.87
C ALA G 30 -1.59 -7.35 13.80
N LYS G 31 -0.70 -7.16 14.77
CA LYS G 31 0.21 -6.02 14.70
C LYS G 31 1.21 -6.15 13.56
N ILE G 32 1.60 -7.39 13.23
CA ILE G 32 2.48 -7.61 12.08
C ILE G 32 1.73 -7.33 10.79
N GLN G 33 0.43 -7.67 10.74
CA GLN G 33 -0.38 -7.29 9.58
C GLN G 33 -0.45 -5.77 9.45
N ASP G 34 -0.60 -5.06 10.58
CA ASP G 34 -0.60 -3.58 10.54
C ASP G 34 0.69 -3.04 9.97
N LYS G 35 1.83 -3.59 10.41
CA LYS G 35 3.14 -3.03 10.07
C LYS G 35 3.60 -3.48 8.69
N GLU G 36 3.41 -4.76 8.35
CA GLU G 36 4.02 -5.37 7.18
C GLU G 36 3.02 -5.79 6.11
N GLY G 37 1.72 -5.76 6.39
CA GLY G 37 0.72 -6.16 5.43
C GLY G 37 0.44 -7.65 5.38
N ILE G 38 1.18 -8.45 6.13
CA ILE G 38 1.13 -9.91 6.00
C ILE G 38 -0.09 -10.45 6.74
N PRO G 39 -1.00 -11.16 6.07
CA PRO G 39 -2.17 -11.71 6.77
C PRO G 39 -1.75 -12.67 7.87
N PRO G 40 -2.42 -12.63 9.03
CA PRO G 40 -2.05 -13.54 10.12
C PRO G 40 -2.02 -15.01 9.75
N ASP G 41 -2.91 -15.46 8.86
CA ASP G 41 -2.92 -16.89 8.56
C ASP G 41 -1.71 -17.33 7.77
N GLN G 42 -0.89 -16.39 7.28
CA GLN G 42 0.37 -16.73 6.63
C GLN G 42 1.56 -16.73 7.58
N GLN G 43 1.38 -16.32 8.84
CA GLN G 43 2.47 -16.10 9.77
C GLN G 43 2.70 -17.30 10.68
N ARG G 44 3.95 -17.76 10.74
CA ARG G 44 4.43 -18.66 11.79
C ARG G 44 5.29 -17.82 12.72
N LEU G 45 4.85 -17.65 13.97
CA LEU G 45 5.70 -17.03 14.97
C LEU G 45 6.40 -18.10 15.79
N ILE G 46 7.69 -17.89 16.07
CA ILE G 46 8.57 -18.92 16.62
C ILE G 46 9.38 -18.32 17.76
N PHE G 47 9.44 -19.03 18.88
CA PHE G 47 10.26 -18.60 20.01
C PHE G 47 10.78 -19.85 20.70
N ALA G 48 12.07 -19.86 21.03
CA ALA G 48 12.69 -20.99 21.70
C ALA G 48 12.46 -22.28 20.93
N GLY G 49 12.43 -22.19 19.61
CA GLY G 49 12.30 -23.36 18.76
C GLY G 49 10.89 -23.89 18.63
N LYS G 50 9.89 -23.21 19.17
CA LYS G 50 8.50 -23.64 19.15
C LYS G 50 7.69 -22.74 18.22
N GLN G 51 6.75 -23.33 17.49
CA GLN G 51 5.72 -22.52 16.85
C GLN G 51 4.67 -22.14 17.89
N LEU G 52 4.22 -20.88 17.84
CA LEU G 52 3.42 -20.34 18.93
C LEU G 52 1.92 -20.47 18.65
N GLU G 53 1.15 -20.71 19.72
CA GLU G 53 -0.30 -20.87 19.65
C GLU G 53 -0.99 -19.53 19.76
N ASP G 54 -1.95 -19.29 18.85
CA ASP G 54 -2.59 -17.98 18.72
C ASP G 54 -3.26 -17.51 20.01
N GLY G 55 -3.87 -18.43 20.77
CA GLY G 55 -4.60 -18.03 21.96
C GLY G 55 -3.78 -17.83 23.22
N ARG G 56 -2.52 -18.24 23.21
CA ARG G 56 -1.68 -18.03 24.38
C ARG G 56 -1.09 -16.61 24.35
N THR G 57 -0.58 -16.18 25.50
CA THR G 57 -0.06 -14.82 25.62
C THR G 57 1.46 -14.83 25.54
N LEU G 58 2.01 -13.63 25.35
CA LEU G 58 3.46 -13.48 25.31
C LEU G 58 4.09 -13.96 26.61
N SER G 59 3.49 -13.63 27.75
CA SER G 59 4.08 -14.07 29.00
C SER G 59 3.91 -15.57 29.23
N ASP G 60 2.86 -16.19 28.66
CA ASP G 60 2.76 -17.65 28.72
C ASP G 60 4.00 -18.32 28.13
N TYR G 61 4.58 -17.71 27.11
CA TYR G 61 5.76 -18.23 26.45
C TYR G 61 7.05 -17.65 27.02
N ASN G 62 6.97 -16.90 28.12
CA ASN G 62 8.11 -16.19 28.70
C ASN G 62 8.76 -15.26 27.69
N ILE G 63 7.95 -14.68 26.81
CA ILE G 63 8.41 -13.62 25.91
C ILE G 63 8.25 -12.31 26.67
N GLN G 64 9.37 -11.61 26.85
CA GLN G 64 9.40 -10.45 27.71
C GLN G 64 9.92 -9.22 26.96
N LYS G 65 10.04 -8.12 27.70
CA LYS G 65 10.54 -6.88 27.14
C LYS G 65 11.83 -7.11 26.37
N GLU G 66 11.80 -6.71 25.09
CA GLU G 66 12.93 -6.74 24.17
C GLU G 66 13.39 -8.16 23.82
N SER G 67 12.55 -9.16 24.06
CA SER G 67 12.78 -10.50 23.50
C SER G 67 12.73 -10.46 21.97
N THR G 68 13.44 -11.39 21.33
CA THR G 68 13.43 -11.51 19.87
C THR G 68 12.73 -12.82 19.48
N LEU G 69 11.66 -12.69 18.69
CA LEU G 69 10.96 -13.80 18.07
C LEU G 69 11.40 -13.92 16.63
N HIS G 70 11.00 -15.01 15.97
CA HIS G 70 11.26 -15.18 14.56
C HIS G 70 9.94 -15.41 13.82
N LEU G 71 9.90 -14.94 12.59
CA LEU G 71 8.73 -15.02 11.73
C LEU G 71 9.11 -15.76 10.46
N VAL G 72 8.38 -16.82 10.16
CA VAL G 72 8.48 -17.50 8.87
C VAL G 72 7.10 -17.46 8.21
N LEU G 73 7.07 -17.17 6.91
CA LEU G 73 5.80 -17.12 6.19
C LEU G 73 5.51 -18.45 5.52
N ARG G 74 4.26 -18.87 5.63
CA ARG G 74 3.78 -20.04 4.91
C ARG G 74 3.96 -19.83 3.41
N LEU G 75 4.24 -20.93 2.72
CA LEU G 75 4.54 -20.88 1.30
C LEU G 75 3.28 -20.95 0.45
N ARG G 76 3.34 -20.29 -0.70
CA ARG G 76 2.43 -20.35 -1.84
C ARG G 76 1.23 -19.44 -1.63
N SER H 1 25.80 -12.01 12.51
CA SER H 1 25.84 -11.98 11.05
C SER H 1 25.65 -13.36 10.44
N TRP H 2 25.83 -14.42 11.23
CA TRP H 2 25.47 -15.74 10.73
C TRP H 2 23.95 -15.87 10.63
N LYS H 3 23.50 -16.63 9.62
CA LYS H 3 22.08 -16.91 9.44
C LYS H 3 21.70 -18.11 10.30
N VAL H 4 20.67 -17.95 11.12
CA VAL H 4 20.30 -18.97 12.09
C VAL H 4 18.93 -19.53 11.75
N CYS H 5 18.85 -20.85 11.62
CA CYS H 5 17.53 -21.46 11.47
C CYS H 5 16.73 -21.28 12.74
N PRO H 6 15.53 -20.70 12.68
CA PRO H 6 14.79 -20.45 13.93
C PRO H 6 14.28 -21.71 14.57
N MET H 7 14.16 -22.82 13.83
CA MET H 7 13.67 -24.05 14.42
C MET H 7 14.77 -24.90 15.04
N CYS H 8 15.89 -25.10 14.35
CA CYS H 8 16.92 -26.03 14.82
C CYS H 8 18.19 -25.34 15.24
N SER H 9 18.28 -24.01 15.07
CA SER H 9 19.39 -23.17 15.48
C SER H 9 20.67 -23.45 14.72
N GLU H 10 20.63 -24.26 13.67
CA GLU H 10 21.80 -24.42 12.82
C GLU H 10 22.22 -23.06 12.26
N GLN H 11 23.51 -22.81 12.25
CA GLN H 11 24.05 -21.53 11.81
C GLN H 11 24.75 -21.72 10.47
N PHE H 12 24.49 -20.80 9.54
CA PHE H 12 25.00 -20.75 8.19
C PHE H 12 25.79 -19.46 8.01
N PRO H 13 26.87 -19.46 7.25
CA PRO H 13 27.73 -18.27 7.15
C PRO H 13 27.01 -17.10 6.50
N PRO H 14 27.50 -15.88 6.71
CA PRO H 14 26.77 -14.70 6.19
C PRO H 14 26.60 -14.70 4.69
N ASP H 15 27.47 -15.37 3.95
CA ASP H 15 27.36 -15.43 2.50
C ASP H 15 26.74 -16.74 2.01
N TYR H 16 26.14 -17.53 2.90
CA TYR H 16 25.41 -18.71 2.46
C TYR H 16 24.21 -18.29 1.61
N ASP H 17 24.02 -19.00 0.49
CA ASP H 17 22.94 -18.71 -0.46
C ASP H 17 21.59 -18.61 0.25
N GLN H 18 20.93 -17.46 0.09
CA GLN H 18 19.71 -17.19 0.85
C GLN H 18 18.61 -18.18 0.52
N GLN H 19 18.47 -18.55 -0.76
CA GLN H 19 17.39 -19.48 -1.12
C GLN H 19 17.68 -20.87 -0.60
N VAL H 20 18.94 -21.29 -0.57
CA VAL H 20 19.26 -22.60 0.01
C VAL H 20 18.99 -22.59 1.50
N PHE H 21 19.39 -21.50 2.18
CA PHE H 21 19.07 -21.33 3.61
C PHE H 21 17.56 -21.43 3.86
N GLU H 22 16.77 -20.66 3.12
CA GLU H 22 15.33 -20.68 3.35
C GLU H 22 14.76 -22.07 3.06
N ARG H 23 15.24 -22.74 2.01
CA ARG H 23 14.78 -24.09 1.71
C ARG H 23 15.02 -25.02 2.91
N HIS H 24 16.18 -24.90 3.55
CA HIS H 24 16.43 -25.69 4.75
C HIS H 24 15.39 -25.40 5.81
N VAL H 25 15.14 -24.12 6.07
CA VAL H 25 14.21 -23.79 7.14
C VAL H 25 12.84 -24.40 6.85
N GLN H 26 12.41 -24.34 5.59
CA GLN H 26 11.08 -24.84 5.22
C GLN H 26 10.95 -26.35 5.35
N THR H 27 12.07 -27.09 5.44
CA THR H 27 11.95 -28.54 5.62
C THR H 27 11.40 -28.89 6.99
N HIS H 28 11.42 -27.96 7.95
CA HIS H 28 10.84 -28.23 9.26
C HIS H 28 9.33 -28.22 9.25
N PHE H 29 8.69 -27.71 8.20
CA PHE H 29 7.26 -27.48 8.19
C PHE H 29 6.58 -28.39 7.17
N ASP H 30 5.30 -28.66 7.40
CA ASP H 30 4.55 -29.46 6.45
C ASP H 30 4.25 -28.62 5.20
N GLN H 31 4.66 -29.13 4.04
CA GLN H 31 4.44 -28.44 2.78
C GLN H 31 3.41 -29.16 1.94
N ASN H 32 2.55 -29.94 2.59
CA ASN H 32 1.54 -30.75 1.93
C ASN H 32 0.15 -30.13 1.96
N VAL H 33 -0.12 -29.28 2.96
CA VAL H 33 -1.37 -28.52 3.14
C VAL H 33 -2.62 -29.18 2.56
ZN ZN I . 7.52 -11.86 -6.26
S SO4 J . -12.81 7.58 -8.83
O1 SO4 J . -12.47 6.78 -7.65
O2 SO4 J . -13.85 8.52 -8.44
O3 SO4 J . -11.61 8.31 -9.30
O4 SO4 J . -13.31 6.71 -9.90
ZN ZN K . -5.81 14.06 2.73
ZN ZN L . -27.98 9.77 8.29
S SO4 M . -19.83 6.09 18.27
O1 SO4 M . -19.82 5.31 19.51
O2 SO4 M . -20.77 5.51 17.32
O3 SO4 M . -20.21 7.46 18.58
O4 SO4 M . -18.48 6.11 17.71
C1 GOL N . 17.02 -15.99 10.19
O1 GOL N . 16.48 -16.61 11.35
C2 GOL N . 18.04 -14.90 10.56
O2 GOL N . 19.12 -15.42 11.29
C3 GOL N . 18.61 -14.32 9.27
O3 GOL N . 19.49 -13.26 9.61
ZN ZN O . 16.76 -25.91 10.75
C1 EDO P . -1.54 -23.56 0.82
O1 EDO P . -0.28 -24.24 0.65
C2 EDO P . -2.62 -24.28 0.04
O2 EDO P . -3.34 -25.13 0.93
#